data_3RI1
#
_entry.id   3RI1
#
_cell.length_a   105.794
_cell.length_b   119.581
_cell.length_c   63.311
_cell.angle_alpha   90.00
_cell.angle_beta   90.00
_cell.angle_gamma   90.00
#
_symmetry.space_group_name_H-M   'P 21 21 2'
#
loop_
_entity.id
_entity.type
_entity.pdbx_description
1 polymer 'Fibroblast growth factor receptor 2'
2 non-polymer (6S)-6-phenyl-5,6-dihydrobenzo[h]quinazolin-2-amine
3 non-polymer 'SULFATE ION'
4 water water
#
_entity_poly.entity_id   1
_entity_poly.type   'polypeptide(L)'
_entity_poly.pdbx_seq_one_letter_code
;GSPMLAGVSEYELPEDPKWEFPRDKLTLGKPLGEGCFGQVVMAEAVGIDKDKPKEAVTVAVKMLKDDATEKDLSDLVSEM
EMMKMIGKHKNIINLLGACTQDGPLYVIVEYASKGNLREYLRARRPPGMEYSYDINRVPEEQMTFKDLVSCTYQLARGME
YLASQKCIHRDLAARNVLVTENNVMKIADFGLARDINNIDYYKKTTNGRLPVKWMAPEALFDRVYTHQSDVWSFGVLMWE
IFTLGGSPYPGIPVEELFKLLKEGHRMDKPANCTNELYMMMRDCWHAVPSQRPTFKQLVEDLDRILTLTTNEE
;
_entity_poly.pdbx_strand_id   A,B
#
# COMPACT_ATOMS: atom_id res chain seq x y z
N LEU A 13 -13.94 -1.66 -20.20
CA LEU A 13 -12.81 -2.56 -20.60
C LEU A 13 -13.16 -3.40 -21.83
N PRO A 14 -12.22 -3.47 -22.80
CA PRO A 14 -12.41 -4.27 -24.02
C PRO A 14 -12.67 -5.74 -23.72
N GLU A 15 -13.47 -6.39 -24.55
CA GLU A 15 -13.77 -7.81 -24.37
C GLU A 15 -12.60 -8.70 -24.78
N ASP A 16 -12.32 -9.70 -23.95
CA ASP A 16 -11.35 -10.75 -24.28
C ASP A 16 -12.04 -12.06 -23.93
N PRO A 17 -12.82 -12.61 -24.88
CA PRO A 17 -13.65 -13.80 -24.68
C PRO A 17 -12.87 -15.03 -24.22
N LYS A 18 -11.63 -15.18 -24.70
CA LYS A 18 -10.75 -16.29 -24.31
C LYS A 18 -10.59 -16.37 -22.79
N TRP A 19 -10.49 -15.21 -22.15
CA TRP A 19 -10.23 -15.15 -20.71
C TRP A 19 -11.47 -14.88 -19.86
N GLU A 20 -12.57 -14.48 -20.49
CA GLU A 20 -13.77 -14.08 -19.77
C GLU A 20 -14.42 -15.26 -19.04
N PHE A 21 -14.75 -15.04 -17.78
CA PHE A 21 -15.39 -16.04 -16.93
C PHE A 21 -16.72 -15.48 -16.40
N PRO A 22 -17.80 -16.30 -16.42
CA PRO A 22 -19.13 -15.90 -15.95
C PRO A 22 -19.19 -15.59 -14.44
N ARG A 23 -19.75 -14.43 -14.11
CA ARG A 23 -19.89 -13.98 -12.71
C ARG A 23 -20.78 -14.92 -11.89
N ASP A 24 -21.77 -15.52 -12.53
CA ASP A 24 -22.71 -16.45 -11.86
C ASP A 24 -22.08 -17.79 -11.47
N LYS A 25 -20.92 -18.11 -12.04
CA LYS A 25 -20.21 -19.35 -11.75
C LYS A 25 -19.09 -19.16 -10.73
N LEU A 26 -19.03 -17.96 -10.15
CA LEU A 26 -17.97 -17.60 -9.20
C LEU A 26 -18.56 -17.19 -7.85
N THR A 27 -18.19 -17.92 -6.80
CA THR A 27 -18.67 -17.64 -5.44
C THR A 27 -17.52 -17.19 -4.53
N LEU A 28 -17.52 -15.89 -4.23
CA LEU A 28 -16.48 -15.26 -3.41
C LEU A 28 -16.51 -15.69 -1.93
N GLY A 29 -15.34 -15.92 -1.36
CA GLY A 29 -15.21 -16.39 0.03
C GLY A 29 -14.31 -15.53 0.89
N LYS A 30 -13.56 -16.17 1.78
CA LYS A 30 -12.73 -15.51 2.79
C LYS A 30 -11.55 -14.73 2.21
N PRO A 31 -11.13 -13.63 2.89
CA PRO A 31 -9.96 -12.83 2.50
C PRO A 31 -8.65 -13.62 2.54
N LEU A 32 -7.76 -13.30 1.60
CA LEU A 32 -6.42 -13.89 1.56
C LEU A 32 -5.35 -12.79 1.61
N GLY A 33 -4.27 -13.06 2.33
CA GLY A 33 -3.17 -12.09 2.48
C GLY A 33 -3.50 -10.93 3.40
N GLU A 34 -2.56 -10.00 3.51
CA GLU A 34 -2.71 -8.84 4.40
C GLU A 34 -3.71 -7.79 3.90
N GLY A 35 -3.84 -7.69 2.58
CA GLY A 35 -4.83 -6.79 1.96
C GLY A 35 -4.47 -5.32 1.94
N CYS A 36 -3.17 -5.04 1.95
CA CYS A 36 -2.67 -3.66 1.96
C CYS A 36 -2.86 -2.95 0.63
N PHE A 37 -2.53 -3.64 -0.46
CA PHE A 37 -2.44 -3.00 -1.77
C PHE A 37 -3.52 -3.46 -2.76
N GLY A 38 -4.22 -4.52 -2.38
CA GLY A 38 -5.37 -5.01 -3.14
C GLY A 38 -6.29 -5.82 -2.25
N GLN A 39 -7.42 -6.25 -2.81
CA GLN A 39 -8.35 -7.12 -2.10
C GLN A 39 -8.34 -8.49 -2.79
N VAL A 40 -7.79 -9.49 -2.09
CA VAL A 40 -7.72 -10.83 -2.63
C VAL A 40 -8.55 -11.77 -1.76
N VAL A 41 -9.42 -12.55 -2.41
CA VAL A 41 -10.27 -13.51 -1.70
C VAL A 41 -10.16 -14.92 -2.28
N MET A 42 -10.41 -15.91 -1.44
CA MET A 42 -10.63 -17.28 -1.87
C MET A 42 -11.99 -17.33 -2.55
N ALA A 43 -12.13 -18.22 -3.53
CA ALA A 43 -13.39 -18.36 -4.26
C ALA A 43 -13.57 -19.76 -4.83
N GLU A 44 -14.82 -20.11 -5.11
CA GLU A 44 -15.14 -21.33 -5.86
C GLU A 44 -15.59 -20.95 -7.26
N ALA A 45 -14.91 -21.51 -8.26
CA ALA A 45 -15.20 -21.23 -9.66
C ALA A 45 -15.64 -22.51 -10.36
N VAL A 46 -16.91 -22.52 -10.80
CA VAL A 46 -17.50 -23.70 -11.43
C VAL A 46 -17.17 -23.70 -12.92
N GLY A 47 -16.52 -24.77 -13.37
CA GLY A 47 -16.22 -24.97 -14.77
C GLY A 47 -15.04 -24.18 -15.29
N ILE A 48 -14.23 -23.62 -14.38
CA ILE A 48 -13.05 -22.85 -14.80
C ILE A 48 -12.00 -23.71 -15.49
N ASP A 49 -11.96 -25.00 -15.14
CA ASP A 49 -11.27 -26.02 -15.91
C ASP A 49 -12.27 -26.49 -16.98
N LYS A 50 -12.05 -26.04 -18.21
CA LYS A 50 -13.00 -26.26 -19.32
C LYS A 50 -13.29 -27.73 -19.65
N ASP A 51 -12.41 -28.63 -19.22
CA ASP A 51 -12.65 -30.07 -19.39
C ASP A 51 -13.59 -30.65 -18.33
N LYS A 52 -13.80 -29.90 -17.25
CA LYS A 52 -14.71 -30.32 -16.19
C LYS A 52 -15.75 -29.21 -15.91
N PRO A 53 -16.76 -29.09 -16.79
CA PRO A 53 -17.68 -27.93 -16.79
C PRO A 53 -18.50 -27.76 -15.52
N LYS A 54 -18.60 -28.80 -14.71
CA LYS A 54 -19.50 -28.82 -13.56
C LYS A 54 -18.76 -28.90 -12.22
N GLU A 55 -17.44 -28.95 -12.27
CA GLU A 55 -16.62 -29.05 -11.07
C GLU A 55 -16.20 -27.67 -10.55
N ALA A 56 -16.47 -27.44 -9.26
CA ALA A 56 -16.02 -26.24 -8.58
C ALA A 56 -14.52 -26.34 -8.29
N VAL A 57 -13.78 -25.31 -8.68
CA VAL A 57 -12.35 -25.22 -8.41
C VAL A 57 -12.11 -24.08 -7.41
N THR A 58 -11.34 -24.38 -6.36
CA THR A 58 -10.93 -23.35 -5.40
C THR A 58 -9.87 -22.47 -6.03
N VAL A 59 -10.20 -21.19 -6.18
CA VAL A 59 -9.34 -20.22 -6.84
C VAL A 59 -9.05 -19.03 -5.92
N ALA A 60 -8.18 -18.13 -6.38
CA ALA A 60 -7.96 -16.84 -5.73
C ALA A 60 -8.43 -15.74 -6.67
N VAL A 61 -9.17 -14.78 -6.13
CA VAL A 61 -9.68 -13.66 -6.91
C VAL A 61 -9.13 -12.34 -6.39
N LYS A 62 -8.48 -11.59 -7.26
CA LYS A 62 -8.01 -10.25 -6.93
C LYS A 62 -8.97 -9.20 -7.46
N MET A 63 -9.27 -8.22 -6.62
CA MET A 63 -10.18 -7.13 -6.97
C MET A 63 -9.75 -5.84 -6.25
N LEU A 64 -10.43 -4.74 -6.56
CA LEU A 64 -10.10 -3.47 -5.92
C LEU A 64 -10.60 -3.41 -4.48
N LYS A 65 -9.85 -2.74 -3.63
CA LYS A 65 -10.31 -2.39 -2.30
C LYS A 65 -11.37 -1.28 -2.41
N ASP A 66 -12.14 -1.08 -1.36
CA ASP A 66 -13.17 -0.03 -1.35
C ASP A 66 -12.56 1.37 -1.47
N ASP A 67 -11.33 1.53 -0.97
CA ASP A 67 -10.62 2.80 -1.02
C ASP A 67 -9.68 2.94 -2.23
N ALA A 68 -9.92 2.12 -3.25
CA ALA A 68 -9.10 2.10 -4.45
C ALA A 68 -9.08 3.44 -5.18
N THR A 69 -7.95 3.70 -5.83
CA THR A 69 -7.74 4.91 -6.64
C THR A 69 -7.88 4.56 -8.12
N GLU A 70 -7.89 5.57 -8.97
CA GLU A 70 -7.88 5.36 -10.41
C GLU A 70 -6.66 4.55 -10.85
N LYS A 71 -5.51 4.85 -10.25
CA LYS A 71 -4.25 4.15 -10.52
C LYS A 71 -4.30 2.67 -10.12
N ASP A 72 -4.98 2.37 -9.02
CA ASP A 72 -5.22 0.99 -8.58
C ASP A 72 -5.93 0.17 -9.67
N LEU A 73 -6.93 0.78 -10.32
CA LEU A 73 -7.68 0.10 -11.37
C LEU A 73 -6.82 -0.18 -12.60
N SER A 74 -6.15 0.84 -13.12
CA SER A 74 -5.28 0.68 -14.28
C SER A 74 -4.08 -0.23 -14.00
N ASP A 75 -3.61 -0.26 -12.74
CA ASP A 75 -2.58 -1.22 -12.32
C ASP A 75 -3.11 -2.65 -12.33
N LEU A 76 -4.32 -2.86 -11.83
CA LEU A 76 -4.92 -4.20 -11.80
C LEU A 76 -5.17 -4.72 -13.22
N VAL A 77 -5.62 -3.83 -14.12
CA VAL A 77 -5.77 -4.16 -15.53
C VAL A 77 -4.43 -4.60 -16.12
N SER A 78 -3.38 -3.80 -15.88
CA SER A 78 -2.03 -4.07 -16.40
C SER A 78 -1.44 -5.37 -15.86
N GLU A 79 -1.72 -5.66 -14.60
CA GLU A 79 -1.28 -6.89 -13.98
C GLU A 79 -1.93 -8.11 -14.66
N MET A 80 -3.25 -8.02 -14.87
CA MET A 80 -4.00 -9.04 -15.59
C MET A 80 -3.44 -9.25 -17.01
N GLU A 81 -3.20 -8.14 -17.71
CA GLU A 81 -2.68 -8.18 -19.08
C GLU A 81 -1.29 -8.83 -19.12
N MET A 82 -0.45 -8.49 -18.14
CA MET A 82 0.86 -9.11 -17.97
C MET A 82 0.75 -10.63 -17.80
N MET A 83 -0.18 -11.07 -16.95
CA MET A 83 -0.38 -12.49 -16.68
C MET A 83 -0.97 -13.26 -17.87
N LYS A 84 -1.67 -12.54 -18.75
CA LYS A 84 -2.18 -13.09 -20.01
C LYS A 84 -1.03 -13.47 -20.94
N MET A 85 0.01 -12.64 -20.95
CA MET A 85 1.15 -12.83 -21.85
C MET A 85 2.12 -13.90 -21.38
N ILE A 86 2.07 -14.25 -20.09
CA ILE A 86 2.91 -15.30 -19.53
C ILE A 86 2.18 -16.65 -19.63
N GLY A 87 2.73 -17.57 -20.41
CA GLY A 87 2.13 -18.89 -20.57
C GLY A 87 2.17 -19.71 -19.30
N LYS A 88 1.47 -20.85 -19.32
CA LYS A 88 1.39 -21.71 -18.14
C LYS A 88 2.77 -22.24 -17.75
N HIS A 89 3.06 -22.18 -16.46
CA HIS A 89 4.24 -22.82 -15.90
C HIS A 89 3.95 -23.23 -14.46
N LYS A 90 4.43 -24.41 -14.09
CA LYS A 90 4.19 -24.99 -12.76
C LYS A 90 4.70 -24.14 -11.60
N ASN A 91 5.77 -23.39 -11.82
CA ASN A 91 6.39 -22.60 -10.75
C ASN A 91 6.02 -21.12 -10.79
N ILE A 92 4.84 -20.86 -11.36
CA ILE A 92 4.30 -19.52 -11.51
C ILE A 92 2.81 -19.57 -11.18
N ILE A 93 2.33 -18.57 -10.43
CA ILE A 93 0.89 -18.35 -10.26
C ILE A 93 0.30 -17.92 -11.60
N ASN A 94 -0.52 -18.78 -12.19
CA ASN A 94 -1.09 -18.50 -13.50
C ASN A 94 -2.50 -17.90 -13.44
N LEU A 95 -2.79 -17.04 -14.41
CA LEU A 95 -4.13 -16.52 -14.64
C LEU A 95 -5.05 -17.64 -15.12
N LEU A 96 -6.27 -17.67 -14.58
CA LEU A 96 -7.25 -18.70 -14.94
C LEU A 96 -8.44 -18.09 -15.67
N GLY A 97 -8.65 -16.79 -15.44
CA GLY A 97 -9.76 -16.07 -16.06
C GLY A 97 -9.97 -14.70 -15.44
N ALA A 98 -10.97 -14.00 -15.94
CA ALA A 98 -11.30 -12.66 -15.47
C ALA A 98 -12.78 -12.37 -15.66
N CYS A 99 -13.34 -11.58 -14.75
CA CYS A 99 -14.67 -10.97 -14.93
C CYS A 99 -14.46 -9.48 -15.18
N THR A 100 -14.64 -9.06 -16.44
CA THR A 100 -14.28 -7.70 -16.87
C THR A 100 -15.46 -6.88 -17.36
N GLN A 101 -16.49 -7.56 -17.85
CA GLN A 101 -17.66 -6.89 -18.44
C GLN A 101 -18.81 -6.79 -17.46
N ASP A 102 -19.52 -5.66 -17.52
CA ASP A 102 -20.75 -5.43 -16.75
C ASP A 102 -20.59 -5.64 -15.23
N GLY A 103 -19.55 -5.03 -14.65
CA GLY A 103 -19.34 -5.10 -13.21
C GLY A 103 -17.90 -4.88 -12.76
N PRO A 104 -17.62 -5.13 -11.48
CA PRO A 104 -16.28 -4.93 -10.93
C PRO A 104 -15.26 -5.93 -11.49
N LEU A 105 -14.04 -5.46 -11.70
CA LEU A 105 -12.97 -6.29 -12.25
C LEU A 105 -12.51 -7.35 -11.25
N TYR A 106 -12.68 -8.61 -11.63
CA TYR A 106 -12.11 -9.72 -10.88
C TYR A 106 -11.05 -10.40 -11.73
N VAL A 107 -9.87 -10.59 -11.14
CA VAL A 107 -8.76 -11.28 -11.80
C VAL A 107 -8.57 -12.60 -11.07
N ILE A 108 -8.92 -13.69 -11.77
CA ILE A 108 -8.99 -15.01 -11.16
C ILE A 108 -7.70 -15.77 -11.42
N VAL A 109 -7.02 -16.14 -10.34
CA VAL A 109 -5.72 -16.80 -10.43
C VAL A 109 -5.68 -18.08 -9.60
N GLU A 110 -4.62 -18.85 -9.77
CA GLU A 110 -4.40 -20.09 -9.03
C GLU A 110 -4.30 -19.83 -7.54
N TYR A 111 -4.93 -20.71 -6.77
CA TYR A 111 -4.93 -20.66 -5.32
C TYR A 111 -3.78 -21.52 -4.77
N ALA A 112 -3.06 -20.99 -3.79
CA ALA A 112 -1.99 -21.71 -3.11
C ALA A 112 -2.28 -21.73 -1.62
N SER A 113 -2.60 -22.91 -1.10
CA SER A 113 -3.20 -23.04 0.23
C SER A 113 -2.26 -22.75 1.41
N LYS A 114 -0.96 -22.89 1.19
CA LYS A 114 0.00 -22.73 2.29
C LYS A 114 0.62 -21.33 2.41
N GLY A 115 0.05 -20.38 1.66
CA GLY A 115 0.44 -18.96 1.78
C GLY A 115 1.82 -18.63 1.24
N ASN A 116 2.35 -17.48 1.64
CA ASN A 116 3.63 -17.01 1.11
C ASN A 116 4.84 -17.70 1.74
N LEU A 117 5.94 -17.73 1.00
CA LEU A 117 7.12 -18.50 1.38
C LEU A 117 7.81 -18.00 2.66
N ARG A 118 7.85 -16.68 2.87
CA ARG A 118 8.50 -16.15 4.08
C ARG A 118 7.83 -16.68 5.34
N GLU A 119 6.50 -16.58 5.38
CA GLU A 119 5.70 -17.09 6.51
C GLU A 119 5.81 -18.61 6.61
N TYR A 120 5.72 -19.28 5.47
CA TYR A 120 5.89 -20.73 5.36
C TYR A 120 7.17 -21.21 6.04
N LEU A 121 8.30 -20.59 5.69
CA LEU A 121 9.61 -20.95 6.26
C LEU A 121 9.74 -20.59 7.73
N ARG A 122 9.31 -19.38 8.08
CA ARG A 122 9.37 -18.90 9.47
C ARG A 122 8.59 -19.80 10.44
N ALA A 123 7.47 -20.35 9.95
CA ALA A 123 6.60 -21.22 10.74
C ALA A 123 7.18 -22.63 10.95
N ARG A 124 8.09 -23.04 10.07
CA ARG A 124 8.74 -24.35 10.22
C ARG A 124 10.23 -24.24 10.57
N ARG A 125 10.55 -23.19 11.33
CA ARG A 125 11.84 -23.03 12.00
C ARG A 125 11.87 -23.88 13.27
N PRO A 126 13.04 -24.48 13.59
CA PRO A 126 13.21 -25.15 14.89
C PRO A 126 13.34 -24.12 16.02
N PRO A 127 12.69 -24.39 17.18
CA PRO A 127 12.77 -23.48 18.33
C PRO A 127 14.13 -23.51 19.02
N GLU A 141 6.59 -30.05 10.33
CA GLU A 141 7.92 -30.65 10.12
C GLU A 141 8.93 -29.65 9.54
N GLN A 142 10.12 -29.62 10.14
CA GLN A 142 11.18 -28.70 9.76
C GLN A 142 11.66 -28.94 8.33
N MET A 143 12.20 -27.90 7.71
CA MET A 143 12.81 -27.99 6.40
C MET A 143 14.13 -28.73 6.50
N THR A 144 14.37 -29.66 5.59
CA THR A 144 15.70 -30.26 5.44
C THR A 144 16.50 -29.42 4.44
N PHE A 145 17.79 -29.72 4.35
CA PHE A 145 18.66 -29.06 3.37
C PHE A 145 18.18 -29.33 1.95
N LYS A 146 17.74 -30.56 1.69
CA LYS A 146 17.19 -30.94 0.39
C LYS A 146 15.92 -30.15 0.05
N ASP A 147 15.08 -29.94 1.06
CA ASP A 147 13.86 -29.12 0.93
C ASP A 147 14.18 -27.70 0.48
N LEU A 148 15.25 -27.14 1.03
CA LEU A 148 15.66 -25.76 0.74
C LEU A 148 16.27 -25.62 -0.65
N VAL A 149 17.09 -26.59 -1.06
CA VAL A 149 17.65 -26.63 -2.42
C VAL A 149 16.54 -26.85 -3.47
N SER A 150 15.61 -27.75 -3.17
CA SER A 150 14.47 -28.02 -4.05
C SER A 150 13.64 -26.75 -4.28
N CYS A 151 13.34 -26.06 -3.18
CA CYS A 151 12.65 -24.77 -3.20
C CYS A 151 13.38 -23.76 -4.11
N THR A 152 14.69 -23.66 -3.93
CA THR A 152 15.52 -22.76 -4.74
C THR A 152 15.52 -23.16 -6.21
N TYR A 153 15.66 -24.46 -6.47
CA TYR A 153 15.61 -24.99 -7.84
C TYR A 153 14.30 -24.64 -8.56
N GLN A 154 13.17 -24.91 -7.89
CA GLN A 154 11.85 -24.63 -8.44
C GLN A 154 11.68 -23.18 -8.85
N LEU A 155 12.23 -22.27 -8.06
CA LEU A 155 12.07 -20.85 -8.33
C LEU A 155 13.02 -20.40 -9.43
N ALA A 156 14.20 -21.02 -9.49
CA ALA A 156 15.14 -20.78 -10.58
C ALA A 156 14.49 -21.15 -11.91
N ARG A 157 13.73 -22.24 -11.91
CA ARG A 157 13.04 -22.75 -13.09
C ARG A 157 11.93 -21.81 -13.54
N GLY A 158 11.13 -21.35 -12.58
CA GLY A 158 10.08 -20.35 -12.84
C GLY A 158 10.66 -19.08 -13.43
N MET A 159 11.74 -18.59 -12.83
CA MET A 159 12.43 -17.41 -13.31
C MET A 159 13.11 -17.61 -14.67
N GLU A 160 13.61 -18.82 -14.92
CA GLU A 160 14.17 -19.16 -16.23
C GLU A 160 13.08 -19.04 -17.29
N TYR A 161 11.92 -19.62 -17.00
CA TYR A 161 10.76 -19.52 -17.89
C TYR A 161 10.31 -18.07 -18.10
N LEU A 162 10.13 -17.35 -17.00
CA LEU A 162 9.74 -15.94 -17.05
C LEU A 162 10.65 -15.15 -17.98
N ALA A 163 11.97 -15.34 -17.82
CA ALA A 163 12.96 -14.65 -18.65
C ALA A 163 12.86 -15.03 -20.13
N SER A 164 12.53 -16.29 -20.39
CA SER A 164 12.36 -16.76 -21.78
C SER A 164 11.12 -16.11 -22.44
N GLN A 165 10.13 -15.76 -21.61
CA GLN A 165 8.94 -15.05 -22.07
C GLN A 165 9.18 -13.54 -22.17
N LYS A 166 10.44 -13.12 -22.04
CA LYS A 166 10.84 -11.71 -22.13
C LYS A 166 10.23 -10.85 -21.00
N CYS A 167 9.98 -11.50 -19.87
CA CYS A 167 9.39 -10.83 -18.71
C CYS A 167 10.43 -10.62 -17.61
N ILE A 168 10.52 -9.38 -17.14
CA ILE A 168 11.25 -9.04 -15.92
C ILE A 168 10.25 -8.85 -14.77
N HIS A 169 10.50 -9.52 -13.66
CA HIS A 169 9.55 -9.55 -12.56
C HIS A 169 9.65 -8.30 -11.69
N ARG A 170 10.88 -7.95 -11.31
CA ARG A 170 11.25 -6.71 -10.59
C ARG A 170 10.87 -6.68 -9.09
N ASP A 171 10.18 -7.70 -8.61
CA ASP A 171 9.74 -7.73 -7.20
C ASP A 171 9.88 -9.14 -6.64
N LEU A 172 10.99 -9.79 -6.98
CA LEU A 172 11.29 -11.12 -6.49
C LEU A 172 11.65 -11.04 -5.00
N ALA A 173 10.92 -11.81 -4.19
CA ALA A 173 11.10 -11.86 -2.74
C ALA A 173 10.30 -13.03 -2.17
N ALA A 174 10.69 -13.51 -0.99
CA ALA A 174 10.03 -14.65 -0.35
C ALA A 174 8.55 -14.40 -0.08
N ARG A 175 8.21 -13.15 0.24
CA ARG A 175 6.81 -12.73 0.43
C ARG A 175 5.97 -12.83 -0.86
N ASN A 176 6.65 -12.78 -2.01
CA ASN A 176 5.99 -12.86 -3.32
C ASN A 176 6.10 -14.24 -3.98
N VAL A 177 6.50 -15.23 -3.18
CA VAL A 177 6.44 -16.61 -3.59
C VAL A 177 5.32 -17.27 -2.78
N LEU A 178 4.48 -18.05 -3.45
CA LEU A 178 3.42 -18.78 -2.77
C LEU A 178 3.70 -20.28 -2.85
N VAL A 179 3.21 -21.03 -1.86
CA VAL A 179 3.40 -22.48 -1.82
C VAL A 179 2.06 -23.20 -1.72
N THR A 180 1.89 -24.23 -2.56
CA THR A 180 0.64 -24.99 -2.64
C THR A 180 0.55 -26.07 -1.56
N GLU A 181 -0.59 -26.76 -1.53
CA GLU A 181 -0.82 -27.89 -0.63
C GLU A 181 0.22 -28.99 -0.81
N ASN A 182 0.65 -29.22 -2.05
CA ASN A 182 1.68 -30.21 -2.36
C ASN A 182 3.09 -29.62 -2.38
N ASN A 183 3.25 -28.48 -1.72
CA ASN A 183 4.56 -27.82 -1.52
C ASN A 183 5.26 -27.33 -2.80
N VAL A 184 4.49 -27.07 -3.85
CA VAL A 184 5.03 -26.51 -5.07
C VAL A 184 5.24 -25.00 -4.90
N MET A 185 6.46 -24.54 -5.19
CA MET A 185 6.80 -23.12 -5.14
C MET A 185 6.31 -22.41 -6.40
N LYS A 186 5.58 -21.31 -6.20
CA LYS A 186 5.01 -20.54 -7.30
C LYS A 186 5.29 -19.04 -7.15
N ILE A 187 5.96 -18.47 -8.14
CA ILE A 187 6.18 -17.02 -8.21
C ILE A 187 4.85 -16.29 -8.42
N ALA A 188 4.59 -15.30 -7.56
CA ALA A 188 3.35 -14.54 -7.59
C ALA A 188 3.62 -13.05 -7.75
N ASP A 189 2.58 -12.25 -7.59
CA ASP A 189 2.67 -10.78 -7.55
C ASP A 189 3.38 -10.16 -8.76
N PHE A 190 2.68 -10.12 -9.88
CA PHE A 190 3.19 -9.56 -11.13
C PHE A 190 2.78 -8.10 -11.35
N GLY A 191 2.61 -7.36 -10.25
CA GLY A 191 2.21 -5.95 -10.31
C GLY A 191 3.28 -5.01 -10.80
N LEU A 192 4.54 -5.36 -10.52
CA LEU A 192 5.67 -4.58 -11.00
C LEU A 192 6.30 -5.15 -12.27
N ALA A 193 5.87 -6.35 -12.67
CA ALA A 193 6.44 -7.07 -13.82
C ALA A 193 6.18 -6.35 -15.15
N ARG A 194 7.19 -6.37 -16.02
CA ARG A 194 7.13 -5.69 -17.31
C ARG A 194 7.68 -6.58 -18.41
N ASP A 195 7.26 -6.32 -19.64
CA ASP A 195 7.99 -6.83 -20.79
C ASP A 195 9.32 -6.09 -20.78
N ILE A 196 10.39 -6.80 -21.13
CA ILE A 196 11.76 -6.26 -21.13
C ILE A 196 11.90 -4.95 -21.93
N ASN A 197 11.12 -4.83 -23.00
CA ASN A 197 11.14 -3.63 -23.84
C ASN A 197 10.28 -2.48 -23.33
N ASN A 198 9.52 -2.73 -22.26
CA ASN A 198 8.62 -1.73 -21.67
C ASN A 198 9.17 -1.12 -20.36
N ILE A 199 10.43 -0.71 -20.41
CA ILE A 199 11.08 -0.02 -19.30
C ILE A 199 11.54 1.35 -19.80
N ASP A 200 11.09 2.40 -19.12
CA ASP A 200 11.48 3.75 -19.51
C ASP A 200 12.91 4.05 -19.03
N TYR A 201 13.88 3.61 -19.82
CA TYR A 201 15.30 3.69 -19.49
C TYR A 201 15.76 5.11 -19.18
N TYR A 202 16.56 5.23 -18.12
CA TYR A 202 17.25 6.47 -17.73
C TYR A 202 16.35 7.59 -17.21
N LYS A 203 15.06 7.32 -17.04
CA LYS A 203 14.17 8.29 -16.44
C LYS A 203 14.27 8.20 -14.92
N LYS A 204 14.35 9.34 -14.25
CA LYS A 204 14.63 9.38 -12.81
C LYS A 204 13.53 8.70 -11.96
N THR A 205 12.34 8.53 -12.53
CA THR A 205 11.24 7.86 -11.84
C THR A 205 11.28 6.33 -11.98
N THR A 206 12.04 5.84 -12.96
CA THR A 206 12.08 4.41 -13.26
C THR A 206 12.65 3.60 -12.09
N ASN A 207 11.93 2.54 -11.70
CA ASN A 207 12.29 1.65 -10.58
C ASN A 207 12.10 2.29 -9.19
N GLY A 208 11.37 3.41 -9.15
CA GLY A 208 11.10 4.12 -7.90
C GLY A 208 10.25 3.33 -6.92
N ARG A 209 9.52 2.35 -7.43
CA ARG A 209 8.59 1.57 -6.61
C ARG A 209 9.05 0.13 -6.29
N LEU A 210 10.34 -0.14 -6.46
CA LEU A 210 10.92 -1.45 -6.13
C LEU A 210 11.50 -1.45 -4.72
N PRO A 211 11.13 -2.47 -3.91
CA PRO A 211 11.70 -2.57 -2.55
C PRO A 211 13.22 -2.61 -2.61
N VAL A 212 13.83 -1.62 -1.95
CA VAL A 212 15.24 -1.32 -2.03
C VAL A 212 16.20 -2.46 -1.62
N LYS A 213 15.79 -3.24 -0.60
CA LYS A 213 16.62 -4.33 -0.07
C LYS A 213 16.72 -5.57 -0.98
N TRP A 214 15.87 -5.66 -2.00
CA TRP A 214 15.91 -6.77 -2.97
C TRP A 214 16.38 -6.30 -4.35
N MET A 215 16.74 -5.03 -4.45
CA MET A 215 16.93 -4.35 -5.72
C MET A 215 18.39 -4.31 -6.17
N ALA A 216 18.63 -4.67 -7.43
CA ALA A 216 19.96 -4.52 -8.04
C ALA A 216 20.37 -3.05 -8.05
N PRO A 217 21.65 -2.78 -7.73
CA PRO A 217 22.19 -1.42 -7.68
C PRO A 217 21.98 -0.59 -8.96
N GLU A 218 22.13 -1.21 -10.14
CA GLU A 218 21.95 -0.49 -11.41
C GLU A 218 20.51 -0.04 -11.63
N ALA A 219 19.56 -0.74 -11.04
CA ALA A 219 18.15 -0.35 -11.12
C ALA A 219 17.94 1.06 -10.55
N LEU A 220 18.68 1.38 -9.50
CA LEU A 220 18.63 2.72 -8.91
C LEU A 220 19.69 3.65 -9.52
N PHE A 221 20.92 3.17 -9.60
CA PHE A 221 22.02 4.01 -10.06
C PHE A 221 21.95 4.39 -11.54
N ASP A 222 21.39 3.51 -12.35
CA ASP A 222 21.40 3.70 -13.81
C ASP A 222 20.01 3.86 -14.40
N ARG A 223 18.99 3.49 -13.63
CA ARG A 223 17.57 3.54 -14.05
C ARG A 223 17.29 2.58 -15.22
N VAL A 224 17.88 1.38 -15.12
CA VAL A 224 17.63 0.31 -16.08
C VAL A 224 17.15 -0.93 -15.34
N TYR A 225 16.50 -1.84 -16.06
CA TYR A 225 16.13 -3.14 -15.52
C TYR A 225 16.22 -4.22 -16.59
N THR A 226 17.12 -5.18 -16.38
CA THR A 226 17.30 -6.31 -17.31
C THR A 226 17.04 -7.63 -16.57
N HIS A 227 17.16 -8.76 -17.26
CA HIS A 227 16.99 -10.06 -16.61
C HIS A 227 18.05 -10.26 -15.52
N GLN A 228 19.23 -9.70 -15.74
CA GLN A 228 20.33 -9.78 -14.78
C GLN A 228 20.06 -9.01 -13.49
N SER A 229 19.14 -8.04 -13.57
CA SER A 229 18.67 -7.31 -12.38
C SER A 229 17.82 -8.25 -11.51
N ASP A 230 16.95 -9.02 -12.14
CA ASP A 230 16.18 -10.08 -11.45
C ASP A 230 17.10 -11.14 -10.82
N VAL A 231 18.26 -11.38 -11.44
CA VAL A 231 19.20 -12.37 -10.92
C VAL A 231 19.72 -11.93 -9.56
N TRP A 232 20.06 -10.65 -9.44
CA TRP A 232 20.44 -10.08 -8.14
C TRP A 232 19.37 -10.37 -7.08
N SER A 233 18.12 -10.05 -7.40
CA SER A 233 16.98 -10.24 -6.49
C SER A 233 16.83 -11.71 -6.10
N PHE A 234 17.05 -12.59 -7.08
CA PHE A 234 17.03 -14.03 -6.83
C PHE A 234 18.09 -14.43 -5.80
N GLY A 235 19.24 -13.76 -5.82
CA GLY A 235 20.27 -13.96 -4.79
C GLY A 235 19.74 -13.64 -3.39
N VAL A 236 18.99 -12.57 -3.27
CA VAL A 236 18.38 -12.15 -2.02
C VAL A 236 17.36 -13.17 -1.55
N LEU A 237 16.49 -13.57 -2.46
CA LEU A 237 15.54 -14.61 -2.25
C LEU A 237 16.21 -15.91 -1.78
N MET A 238 17.36 -16.24 -2.34
CA MET A 238 18.08 -17.41 -1.89
C MET A 238 18.49 -17.31 -0.41
N TRP A 239 18.99 -16.17 -0.03
CA TRP A 239 19.38 -15.85 1.31
C TRP A 239 18.23 -15.95 2.31
N GLU A 240 17.08 -15.45 1.92
CA GLU A 240 15.82 -15.58 2.62
C GLU A 240 15.46 -17.00 2.84
N ILE A 241 15.58 -17.79 1.80
CA ILE A 241 15.26 -19.22 1.88
C ILE A 241 16.17 -19.93 2.90
N PHE A 242 17.48 -19.72 2.79
CA PHE A 242 18.43 -20.44 3.63
C PHE A 242 18.56 -19.91 5.07
N THR A 243 18.01 -18.72 5.31
CA THR A 243 17.85 -18.21 6.68
C THR A 243 16.45 -18.49 7.22
N LEU A 244 15.69 -19.33 6.50
CA LEU A 244 14.31 -19.71 6.86
C LEU A 244 13.39 -18.50 7.06
N GLY A 245 13.43 -17.57 6.12
CA GLY A 245 12.59 -16.37 6.20
C GLY A 245 13.23 -15.24 6.98
N GLY A 246 14.55 -15.14 6.92
CA GLY A 246 15.27 -14.04 7.54
C GLY A 246 15.04 -12.74 6.78
N SER A 247 15.19 -11.62 7.48
CA SER A 247 15.05 -10.30 6.87
C SER A 247 16.42 -9.82 6.38
N PRO A 248 16.52 -9.46 5.09
CA PRO A 248 17.81 -9.08 4.50
C PRO A 248 18.43 -7.86 5.16
N TYR A 249 19.77 -7.81 5.14
CA TYR A 249 20.54 -6.71 5.69
C TYR A 249 20.08 -6.32 7.11
N PRO A 250 20.12 -7.28 8.06
CA PRO A 250 19.57 -7.00 9.40
C PRO A 250 20.31 -5.85 10.08
N GLY A 251 19.55 -4.90 10.60
CA GLY A 251 20.12 -3.75 11.32
C GLY A 251 20.53 -2.59 10.43
N ILE A 252 20.45 -2.79 9.13
CA ILE A 252 20.82 -1.75 8.17
C ILE A 252 19.53 -1.12 7.66
N PRO A 253 19.31 0.18 7.95
CA PRO A 253 18.14 0.84 7.39
C PRO A 253 18.25 1.00 5.88
N VAL A 254 17.10 1.08 5.23
CA VAL A 254 17.00 1.28 3.80
C VAL A 254 17.83 2.48 3.34
N GLU A 255 17.82 3.56 4.13
CA GLU A 255 18.50 4.81 3.78
C GLU A 255 20.01 4.69 3.64
N GLU A 256 20.62 3.74 4.35
CA GLU A 256 22.07 3.58 4.27
C GLU A 256 22.57 2.40 3.44
N LEU A 257 21.63 1.58 2.95
CA LEU A 257 21.99 0.38 2.19
C LEU A 257 22.84 0.65 0.93
N PHE A 258 22.39 1.57 0.10
CA PHE A 258 23.03 1.76 -1.21
C PHE A 258 24.44 2.35 -1.17
N LYS A 259 24.73 3.17 -0.17
CA LYS A 259 26.11 3.58 0.10
C LYS A 259 26.96 2.35 0.43
N LEU A 260 26.44 1.48 1.30
CA LEU A 260 27.14 0.25 1.69
C LEU A 260 27.34 -0.71 0.51
N LEU A 261 26.35 -0.81 -0.37
CA LEU A 261 26.44 -1.67 -1.56
C LEU A 261 27.47 -1.17 -2.57
N LYS A 262 27.51 0.15 -2.76
CA LYS A 262 28.52 0.79 -3.61
C LYS A 262 29.93 0.50 -3.08
N GLU A 263 30.05 0.41 -1.76
CA GLU A 263 31.30 0.08 -1.09
C GLU A 263 31.57 -1.42 -1.04
N GLY A 264 30.66 -2.22 -1.60
CA GLY A 264 30.87 -3.65 -1.76
C GLY A 264 30.34 -4.54 -0.65
N HIS A 265 29.51 -3.97 0.24
CA HIS A 265 28.88 -4.76 1.29
C HIS A 265 27.96 -5.81 0.68
N ARG A 266 28.09 -7.04 1.17
CA ARG A 266 27.21 -8.13 0.83
C ARG A 266 26.86 -8.87 2.12
N MET A 267 25.71 -9.53 2.13
CA MET A 267 25.26 -10.33 3.28
C MET A 267 26.14 -11.56 3.49
N ASP A 268 26.41 -11.88 4.77
CA ASP A 268 27.17 -13.07 5.16
C ASP A 268 26.44 -14.37 4.84
N LYS A 269 27.20 -15.47 4.85
CA LYS A 269 26.65 -16.81 4.64
C LYS A 269 25.67 -17.23 5.74
N PRO A 270 24.47 -17.68 5.35
CA PRO A 270 23.55 -18.29 6.30
C PRO A 270 24.10 -19.61 6.83
N ALA A 271 23.82 -19.90 8.10
CA ALA A 271 24.30 -21.12 8.77
C ALA A 271 24.03 -22.42 8.02
N ASN A 272 22.75 -22.69 7.73
CA ASN A 272 22.36 -24.01 7.20
C ASN A 272 22.42 -24.12 5.68
N CYS A 273 23.51 -23.61 5.13
CA CYS A 273 23.69 -23.49 3.70
C CYS A 273 25.16 -23.73 3.38
N THR A 274 25.42 -24.49 2.32
CA THR A 274 26.79 -24.86 1.94
C THR A 274 27.57 -23.67 1.41
N ASN A 275 28.91 -23.76 1.44
CA ASN A 275 29.78 -22.75 0.82
C ASN A 275 29.44 -22.55 -0.66
N GLU A 276 29.19 -23.66 -1.34
CA GLU A 276 28.86 -23.67 -2.75
C GLU A 276 27.59 -22.84 -3.03
N LEU A 277 26.53 -23.09 -2.27
CA LEU A 277 25.29 -22.34 -2.43
C LEU A 277 25.45 -20.86 -2.10
N TYR A 278 26.28 -20.56 -1.12
CA TYR A 278 26.60 -19.17 -0.77
C TYR A 278 27.41 -18.47 -1.87
N MET A 279 28.34 -19.20 -2.48
CA MET A 279 29.08 -18.68 -3.62
C MET A 279 28.13 -18.35 -4.79
N MET A 280 27.09 -19.16 -4.94
CA MET A 280 26.02 -18.88 -5.92
C MET A 280 25.29 -17.56 -5.62
N MET A 281 24.91 -17.34 -4.35
CA MET A 281 24.33 -16.05 -3.91
C MET A 281 25.23 -14.87 -4.25
N ARG A 282 26.50 -15.02 -3.89
CA ARG A 282 27.49 -13.97 -4.13
C ARG A 282 27.68 -13.67 -5.61
N ASP A 283 27.63 -14.71 -6.44
CA ASP A 283 27.66 -14.56 -7.90
C ASP A 283 26.47 -13.72 -8.38
N CYS A 284 25.29 -14.02 -7.84
CA CYS A 284 24.07 -13.26 -8.12
C CYS A 284 24.22 -11.79 -7.76
N TRP A 285 25.06 -11.52 -6.75
CA TRP A 285 25.31 -10.15 -6.28
C TRP A 285 26.60 -9.51 -6.83
N HIS A 286 27.13 -10.06 -7.91
CA HIS A 286 28.23 -9.41 -8.61
C HIS A 286 27.80 -8.00 -8.96
N ALA A 287 28.67 -7.02 -8.73
CA ALA A 287 28.40 -5.62 -9.06
C ALA A 287 28.08 -5.45 -10.55
N VAL A 288 28.79 -6.18 -11.41
CA VAL A 288 28.61 -6.07 -12.86
C VAL A 288 27.52 -7.02 -13.33
N PRO A 289 26.41 -6.48 -13.90
CA PRO A 289 25.25 -7.30 -14.27
C PRO A 289 25.62 -8.50 -15.16
N SER A 290 26.41 -8.25 -16.20
CA SER A 290 26.81 -9.30 -17.15
C SER A 290 27.75 -10.34 -16.54
N GLN A 291 28.30 -10.06 -15.36
CA GLN A 291 29.13 -11.04 -14.65
C GLN A 291 28.32 -11.93 -13.70
N ARG A 292 27.02 -11.65 -13.57
CA ARG A 292 26.14 -12.51 -12.79
C ARG A 292 25.75 -13.71 -13.64
N PRO A 293 25.40 -14.85 -13.01
CA PRO A 293 24.85 -15.95 -13.81
C PRO A 293 23.50 -15.60 -14.45
N THR A 294 23.16 -16.34 -15.50
CA THR A 294 21.83 -16.26 -16.09
C THR A 294 20.96 -17.26 -15.34
N PHE A 295 19.65 -17.11 -15.45
CA PHE A 295 18.74 -18.07 -14.83
C PHE A 295 18.93 -19.50 -15.37
N LYS A 296 19.22 -19.60 -16.66
CA LYS A 296 19.57 -20.87 -17.30
C LYS A 296 20.71 -21.59 -16.56
N GLN A 297 21.79 -20.86 -16.29
CA GLN A 297 22.95 -21.39 -15.60
C GLN A 297 22.62 -21.77 -14.16
N LEU A 298 21.83 -20.93 -13.50
CA LEU A 298 21.40 -21.20 -12.13
C LEU A 298 20.60 -22.50 -12.05
N VAL A 299 19.68 -22.70 -12.99
CA VAL A 299 18.90 -23.93 -13.09
C VAL A 299 19.82 -25.16 -13.22
N GLU A 300 20.77 -25.09 -14.15
CA GLU A 300 21.74 -26.16 -14.38
C GLU A 300 22.56 -26.50 -13.14
N ASP A 301 23.09 -25.48 -12.47
CA ASP A 301 23.90 -25.66 -11.26
C ASP A 301 23.07 -26.21 -10.10
N LEU A 302 21.87 -25.69 -9.92
CA LEU A 302 20.97 -26.15 -8.85
C LEU A 302 20.45 -27.56 -9.11
N ASP A 303 20.22 -27.89 -10.39
CA ASP A 303 19.85 -29.25 -10.79
C ASP A 303 20.92 -30.24 -10.33
N ARG A 304 22.18 -29.93 -10.63
CA ARG A 304 23.33 -30.74 -10.22
C ARG A 304 23.43 -30.90 -8.69
N ILE A 305 23.29 -29.80 -7.97
CA ILE A 305 23.36 -29.81 -6.51
C ILE A 305 22.23 -30.65 -5.91
N LEU A 306 21.01 -30.46 -6.42
CA LEU A 306 19.84 -31.17 -5.92
C LEU A 306 19.93 -32.68 -6.21
N THR A 307 20.42 -33.03 -7.39
CA THR A 307 20.64 -34.42 -7.80
C THR A 307 21.61 -35.15 -6.86
N LEU A 308 22.72 -34.49 -6.52
CA LEU A 308 23.73 -35.06 -5.63
C LEU A 308 23.27 -35.11 -4.18
N THR A 309 22.46 -34.12 -3.78
CA THR A 309 21.85 -34.09 -2.45
C THR A 309 20.81 -35.22 -2.31
N THR A 310 20.08 -35.48 -3.40
CA THR A 310 19.10 -36.57 -3.45
C THR A 310 19.66 -37.78 -4.19
N LEU B 13 20.40 14.25 2.91
CA LEU B 13 19.25 15.12 3.34
C LEU B 13 19.73 16.33 4.14
N PRO B 14 19.33 17.55 3.71
CA PRO B 14 19.84 18.80 4.27
C PRO B 14 19.44 19.02 5.72
N GLU B 15 20.23 19.79 6.46
CA GLU B 15 19.94 20.12 7.85
C GLU B 15 18.96 21.29 7.96
N ASP B 16 17.96 21.12 8.81
CA ASP B 16 16.99 22.16 9.12
C ASP B 16 16.93 22.24 10.64
N PRO B 17 17.81 23.08 11.24
CA PRO B 17 18.02 23.16 12.69
C PRO B 17 16.74 23.37 13.50
N LYS B 18 15.79 24.12 12.92
CA LYS B 18 14.50 24.40 13.58
C LYS B 18 13.76 23.14 14.00
N TRP B 19 13.85 22.09 13.18
CA TRP B 19 13.05 20.89 13.38
C TRP B 19 13.85 19.68 13.86
N GLU B 20 15.18 19.75 13.74
CA GLU B 20 16.05 18.64 14.13
C GLU B 20 15.92 18.30 15.62
N PHE B 21 15.78 17.00 15.90
CA PHE B 21 15.69 16.51 17.26
C PHE B 21 16.75 15.42 17.47
N PRO B 22 17.51 15.51 18.58
CA PRO B 22 18.57 14.53 18.88
C PRO B 22 18.05 13.10 19.04
N ARG B 23 18.73 12.15 18.39
CA ARG B 23 18.32 10.74 18.38
C ARG B 23 18.45 10.07 19.74
N ASP B 24 19.41 10.55 20.54
CA ASP B 24 19.65 10.02 21.87
C ASP B 24 18.54 10.38 22.87
N LYS B 25 17.78 11.43 22.54
CA LYS B 25 16.65 11.87 23.36
C LYS B 25 15.35 11.15 23.00
N LEU B 26 15.42 10.28 21.99
CA LEU B 26 14.25 9.56 21.49
C LEU B 26 14.34 8.07 21.80
N THR B 27 13.31 7.53 22.46
CA THR B 27 13.24 6.12 22.82
C THR B 27 12.01 5.47 22.19
N LEU B 28 12.26 4.67 21.15
CA LEU B 28 11.19 4.06 20.34
C LEU B 28 10.52 2.91 21.07
N GLY B 29 9.20 2.80 20.90
CA GLY B 29 8.40 1.77 21.59
C GLY B 29 7.53 0.94 20.67
N LYS B 30 6.31 0.66 21.14
CA LYS B 30 5.36 -0.20 20.43
C LYS B 30 4.86 0.37 19.10
N PRO B 31 4.59 -0.51 18.11
CA PRO B 31 4.00 -0.12 16.83
C PRO B 31 2.62 0.52 16.98
N LEU B 32 2.29 1.39 16.01
CA LEU B 32 0.98 2.03 15.94
C LEU B 32 0.40 1.88 14.54
N GLY B 33 -0.90 1.62 14.46
CA GLY B 33 -1.59 1.49 13.17
C GLY B 33 -1.38 0.14 12.52
N GLU B 34 -1.94 -0.02 11.32
CA GLU B 34 -1.89 -1.28 10.58
C GLU B 34 -0.48 -1.60 10.05
N GLY B 35 0.24 -0.56 9.63
CA GLY B 35 1.60 -0.70 9.13
C GLY B 35 1.69 -1.15 7.68
N CYS B 36 0.70 -0.77 6.88
CA CYS B 36 0.67 -1.11 5.45
C CYS B 36 1.62 -0.24 4.64
N PHE B 37 1.67 1.05 4.98
CA PHE B 37 2.28 2.05 4.11
C PHE B 37 3.45 2.80 4.75
N GLY B 38 3.85 2.35 5.93
CA GLY B 38 4.94 2.96 6.68
C GLY B 38 5.06 2.29 8.03
N GLN B 39 6.12 2.65 8.76
CA GLN B 39 6.34 2.13 10.10
C GLN B 39 6.19 3.27 11.10
N VAL B 40 5.12 3.22 11.88
CA VAL B 40 4.86 4.23 12.91
C VAL B 40 4.94 3.56 14.27
N VAL B 41 5.73 4.16 15.17
CA VAL B 41 5.85 3.66 16.54
C VAL B 41 5.61 4.76 17.57
N MET B 42 5.05 4.36 18.71
CA MET B 42 4.99 5.19 19.90
C MET B 42 6.43 5.40 20.35
N ALA B 43 6.75 6.60 20.81
CA ALA B 43 8.07 6.91 21.34
C ALA B 43 7.99 7.89 22.51
N GLU B 44 9.09 8.08 23.21
CA GLU B 44 9.21 9.10 24.24
C GLU B 44 10.31 10.08 23.86
N ALA B 45 9.93 11.35 23.75
CA ALA B 45 10.85 12.40 23.32
C ALA B 45 11.14 13.36 24.48
N VAL B 46 12.39 13.35 24.94
CA VAL B 46 12.80 14.17 26.07
C VAL B 46 13.12 15.59 25.61
N GLY B 47 12.33 16.54 26.10
CA GLY B 47 12.56 17.95 25.84
C GLY B 47 12.09 18.44 24.48
N ILE B 48 11.15 17.72 23.87
CA ILE B 48 10.60 18.13 22.57
C ILE B 48 9.70 19.37 22.71
N ASP B 49 9.19 19.59 23.93
CA ASP B 49 8.38 20.76 24.25
C ASP B 49 9.21 22.05 24.24
N PRO B 53 11.31 21.35 28.99
CA PRO B 53 12.66 21.27 28.45
C PRO B 53 13.43 20.04 28.96
N LYS B 54 12.92 19.46 30.05
CA LYS B 54 13.53 18.27 30.66
C LYS B 54 12.55 17.10 30.70
N GLU B 55 11.29 17.37 30.33
CA GLU B 55 10.22 16.37 30.40
C GLU B 55 10.17 15.47 29.15
N ALA B 56 9.80 14.21 29.38
CA ALA B 56 9.56 13.26 28.31
C ALA B 56 8.10 13.38 27.84
N VAL B 57 7.93 13.52 26.53
CA VAL B 57 6.61 13.58 25.90
C VAL B 57 6.39 12.31 25.08
N THR B 58 5.21 11.72 25.21
CA THR B 58 4.80 10.59 24.37
C THR B 58 4.47 11.12 22.97
N VAL B 59 5.22 10.64 21.99
CA VAL B 59 5.08 11.06 20.60
C VAL B 59 4.82 9.85 19.69
N ALA B 60 4.63 10.12 18.41
CA ALA B 60 4.57 9.09 17.38
C ALA B 60 5.67 9.36 16.36
N VAL B 61 6.33 8.30 15.91
CA VAL B 61 7.44 8.44 14.98
C VAL B 61 7.15 7.64 13.71
N LYS B 62 7.12 8.34 12.58
CA LYS B 62 7.01 7.66 11.29
C LYS B 62 8.39 7.41 10.70
N MET B 63 8.56 6.20 10.16
CA MET B 63 9.80 5.80 9.53
C MET B 63 9.52 4.78 8.42
N LEU B 64 10.53 4.50 7.61
CA LEU B 64 10.41 3.52 6.53
C LEU B 64 10.30 2.10 7.05
N LYS B 65 9.48 1.30 6.37
CA LYS B 65 9.46 -0.14 6.56
C LYS B 65 10.73 -0.78 5.98
N ASP B 66 11.01 -2.00 6.40
CA ASP B 66 12.17 -2.75 5.92
C ASP B 66 12.12 -3.01 4.40
N ASP B 67 10.91 -3.21 3.87
CA ASP B 67 10.70 -3.41 2.43
C ASP B 67 10.34 -2.13 1.67
N ALA B 68 10.75 -0.98 2.21
CA ALA B 68 10.49 0.32 1.60
C ALA B 68 11.18 0.51 0.24
N THR B 69 10.57 1.34 -0.59
CA THR B 69 11.07 1.69 -1.92
C THR B 69 11.72 3.07 -1.85
N GLU B 70 12.37 3.48 -2.94
CA GLU B 70 12.89 4.84 -3.08
C GLU B 70 11.77 5.89 -2.99
N LYS B 71 10.63 5.59 -3.63
CA LYS B 71 9.47 6.48 -3.63
C LYS B 71 8.91 6.66 -2.22
N ASP B 72 8.94 5.59 -1.41
CA ASP B 72 8.54 5.65 0.00
C ASP B 72 9.36 6.68 0.77
N LEU B 73 10.67 6.74 0.49
CA LEU B 73 11.55 7.71 1.13
C LEU B 73 11.25 9.15 0.70
N SER B 74 11.16 9.41 -0.60
CA SER B 74 10.84 10.76 -1.06
C SER B 74 9.43 11.19 -0.62
N ASP B 75 8.49 10.23 -0.55
CA ASP B 75 7.13 10.50 -0.03
C ASP B 75 7.18 10.93 1.44
N LEU B 76 7.94 10.20 2.26
CA LEU B 76 8.11 10.54 3.68
C LEU B 76 8.69 11.95 3.86
N VAL B 77 9.76 12.25 3.12
CA VAL B 77 10.35 13.60 3.11
C VAL B 77 9.32 14.67 2.72
N SER B 78 8.57 14.45 1.64
CA SER B 78 7.53 15.37 1.19
C SER B 78 6.42 15.56 2.22
N GLU B 79 6.03 14.48 2.89
CA GLU B 79 5.01 14.55 3.93
C GLU B 79 5.52 15.42 5.09
N MET B 80 6.75 15.15 5.53
CA MET B 80 7.43 15.97 6.53
C MET B 80 7.49 17.45 6.16
N GLU B 81 7.90 17.75 4.92
CA GLU B 81 8.00 19.13 4.43
C GLU B 81 6.66 19.87 4.32
N MET B 82 5.60 19.11 4.03
CA MET B 82 4.24 19.65 4.01
C MET B 82 3.79 20.03 5.43
N MET B 83 4.05 19.14 6.38
CA MET B 83 3.69 19.41 7.77
C MET B 83 4.49 20.56 8.40
N LYS B 84 5.69 20.81 7.88
CA LYS B 84 6.49 21.98 8.28
C LYS B 84 5.80 23.30 7.96
N MET B 85 5.11 23.32 6.81
CA MET B 85 4.42 24.52 6.34
C MET B 85 3.08 24.77 7.06
N ILE B 86 2.52 23.73 7.66
CA ILE B 86 1.24 23.84 8.36
C ILE B 86 1.48 24.26 9.81
N GLY B 87 1.02 25.45 10.17
CA GLY B 87 1.14 25.95 11.55
C GLY B 87 0.33 25.09 12.51
N LYS B 88 0.57 25.27 13.81
CA LYS B 88 -0.10 24.44 14.82
C LYS B 88 -1.60 24.71 14.93
N HIS B 89 -2.36 23.63 15.03
CA HIS B 89 -3.80 23.71 15.20
C HIS B 89 -4.29 22.51 15.99
N LYS B 90 -5.30 22.74 16.82
CA LYS B 90 -5.88 21.70 17.68
C LYS B 90 -6.42 20.51 16.90
N ASN B 91 -6.90 20.75 15.69
CA ASN B 91 -7.59 19.72 14.93
C ASN B 91 -6.75 19.16 13.79
N ILE B 92 -5.44 19.26 13.95
CA ILE B 92 -4.47 18.76 12.99
C ILE B 92 -3.37 18.01 13.75
N ILE B 93 -2.98 16.84 13.24
CA ILE B 93 -1.77 16.18 13.73
C ILE B 93 -0.60 17.03 13.26
N ASN B 94 0.12 17.60 14.21
CA ASN B 94 1.20 18.51 13.90
C ASN B 94 2.59 17.89 14.01
N LEU B 95 3.49 18.35 13.14
CA LEU B 95 4.88 17.96 13.22
C LEU B 95 5.50 18.53 14.51
N LEU B 96 6.28 17.69 15.20
CA LEU B 96 6.99 18.10 16.41
C LEU B 96 8.51 18.20 16.18
N GLY B 97 9.01 17.39 15.26
CA GLY B 97 10.44 17.38 14.93
C GLY B 97 10.83 16.26 13.98
N ALA B 98 12.14 16.13 13.72
CA ALA B 98 12.66 15.10 12.84
C ALA B 98 14.13 14.76 13.10
N CYS B 99 14.46 13.48 12.93
CA CYS B 99 15.85 13.01 12.89
C CYS B 99 16.21 12.71 11.44
N THR B 100 16.95 13.63 10.82
CA THR B 100 17.27 13.55 9.40
C THR B 100 18.75 13.28 9.11
N GLN B 101 19.61 13.57 10.08
CA GLN B 101 21.06 13.44 9.91
C GLN B 101 21.60 12.16 10.53
N ASP B 102 22.61 11.58 9.87
CA ASP B 102 23.41 10.46 10.41
C ASP B 102 22.60 9.25 10.88
N GLY B 103 21.66 8.82 10.04
CA GLY B 103 20.81 7.69 10.36
C GLY B 103 19.49 7.74 9.61
N PRO B 104 18.60 6.77 9.86
CA PRO B 104 17.31 6.68 9.19
C PRO B 104 16.37 7.85 9.50
N LEU B 105 15.51 8.20 8.55
CA LEU B 105 14.57 9.29 8.72
C LEU B 105 13.47 8.97 9.74
N TYR B 106 13.43 9.77 10.80
CA TYR B 106 12.34 9.71 11.77
C TYR B 106 11.55 11.02 11.69
N VAL B 107 10.26 10.91 11.40
CA VAL B 107 9.36 12.07 11.40
C VAL B 107 8.53 12.00 12.67
N ILE B 108 8.73 12.98 13.55
CA ILE B 108 8.15 12.94 14.91
C ILE B 108 6.89 13.82 14.96
N VAL B 109 5.77 13.20 15.30
CA VAL B 109 4.48 13.90 15.30
C VAL B 109 3.71 13.67 16.59
N GLU B 110 2.58 14.39 16.73
CA GLU B 110 1.71 14.23 17.89
C GLU B 110 1.08 12.84 17.95
N TYR B 111 1.08 12.30 19.15
CA TYR B 111 0.47 11.01 19.44
C TYR B 111 -1.03 11.19 19.72
N ALA B 112 -1.83 10.25 19.23
CA ALA B 112 -3.27 10.23 19.48
C ALA B 112 -3.65 8.85 19.96
N SER B 113 -3.96 8.74 21.26
CA SER B 113 -4.09 7.43 21.92
C SER B 113 -5.29 6.57 21.49
N LYS B 114 -6.32 7.18 20.91
CA LYS B 114 -7.52 6.40 20.59
C LYS B 114 -7.60 5.94 19.13
N GLY B 115 -6.52 6.15 18.38
CA GLY B 115 -6.40 5.65 17.01
C GLY B 115 -7.28 6.38 16.02
N ASN B 116 -7.52 5.74 14.88
CA ASN B 116 -8.25 6.40 13.79
C ASN B 116 -9.76 6.42 13.99
N LEU B 117 -10.40 7.45 13.43
CA LEU B 117 -11.82 7.73 13.65
C LEU B 117 -12.74 6.62 13.16
N ARG B 118 -12.41 6.01 12.02
CA ARG B 118 -13.20 4.91 11.50
C ARG B 118 -13.34 3.78 12.53
N GLU B 119 -12.22 3.34 13.10
CA GLU B 119 -12.24 2.26 14.10
C GLU B 119 -12.80 2.74 15.44
N TYR B 120 -12.53 3.98 15.79
CA TYR B 120 -13.11 4.63 16.96
C TYR B 120 -14.64 4.54 16.91
N LEU B 121 -15.22 4.95 15.78
CA LEU B 121 -16.66 4.96 15.60
C LEU B 121 -17.26 3.56 15.56
N ARG B 122 -16.61 2.64 14.84
CA ARG B 122 -17.07 1.27 14.75
C ARG B 122 -17.14 0.60 16.13
N ALA B 123 -16.13 0.87 16.96
CA ALA B 123 -16.05 0.31 18.32
C ALA B 123 -17.10 0.88 19.28
N ARG B 124 -17.76 1.96 18.88
CA ARG B 124 -18.72 2.65 19.74
C ARG B 124 -20.15 2.59 19.22
N ARG B 125 -20.42 1.64 18.33
CA ARG B 125 -21.78 1.34 17.89
C ARG B 125 -22.54 0.65 19.03
N PRO B 126 -23.87 0.85 19.11
CA PRO B 126 -24.70 0.16 20.11
C PRO B 126 -24.57 -1.37 20.04
N PRO B 127 -24.57 -2.05 21.21
CA PRO B 127 -24.39 -3.51 21.22
C PRO B 127 -25.65 -4.25 20.79
N GLU B 141 -18.97 2.48 25.18
CA GLU B 141 -19.31 3.88 25.42
C GLU B 141 -19.83 4.54 24.14
N GLN B 142 -21.12 4.34 23.86
CA GLN B 142 -21.79 4.82 22.65
C GLN B 142 -21.65 6.31 22.39
N MET B 143 -21.62 6.66 21.10
CA MET B 143 -21.61 8.06 20.68
C MET B 143 -22.97 8.67 20.90
N THR B 144 -23.00 9.88 21.46
CA THR B 144 -24.24 10.65 21.51
C THR B 144 -24.37 11.40 20.19
N PHE B 145 -25.57 11.93 19.93
CA PHE B 145 -25.78 12.80 18.78
C PHE B 145 -24.83 14.00 18.83
N LYS B 146 -24.76 14.64 20.00
CA LYS B 146 -23.88 15.78 20.23
C LYS B 146 -22.42 15.47 19.91
N ASP B 147 -21.94 14.30 20.37
CA ASP B 147 -20.59 13.82 20.08
C ASP B 147 -20.31 13.80 18.57
N LEU B 148 -21.28 13.33 17.78
CA LEU B 148 -21.12 13.20 16.34
C LEU B 148 -21.08 14.57 15.65
N VAL B 149 -21.95 15.47 16.07
CA VAL B 149 -21.96 16.84 15.57
C VAL B 149 -20.66 17.56 15.97
N SER B 150 -20.22 17.34 17.21
CA SER B 150 -18.97 17.89 17.71
C SER B 150 -17.76 17.40 16.91
N CYS B 151 -17.73 16.10 16.62
CA CYS B 151 -16.68 15.48 15.82
C CYS B 151 -16.59 16.17 14.46
N THR B 152 -17.75 16.33 13.82
CA THR B 152 -17.89 16.99 12.54
C THR B 152 -17.44 18.46 12.60
N TYR B 153 -17.87 19.17 13.64
CA TYR B 153 -17.51 20.58 13.82
C TYR B 153 -15.98 20.76 13.93
N GLN B 154 -15.34 19.90 14.71
CA GLN B 154 -13.89 19.94 14.92
C GLN B 154 -13.11 19.74 13.61
N LEU B 155 -13.57 18.79 12.80
CA LEU B 155 -12.92 18.47 11.55
C LEU B 155 -13.14 19.59 10.52
N ALA B 156 -14.33 20.20 10.55
CA ALA B 156 -14.60 21.40 9.76
C ALA B 156 -13.65 22.56 10.12
N ARG B 157 -13.42 22.78 11.42
CA ARG B 157 -12.46 23.78 11.90
C ARG B 157 -11.03 23.47 11.44
N GLY B 158 -10.65 22.20 11.49
CA GLY B 158 -9.36 21.77 10.98
C GLY B 158 -9.16 22.11 9.51
N MET B 159 -10.18 21.83 8.70
CA MET B 159 -10.13 22.06 7.26
C MET B 159 -10.22 23.55 6.91
N GLU B 160 -11.00 24.32 7.68
CA GLU B 160 -11.05 25.76 7.54
C GLU B 160 -9.64 26.33 7.72
N TYR B 161 -8.94 25.81 8.73
CA TYR B 161 -7.55 26.19 8.97
C TYR B 161 -6.61 25.79 7.81
N LEU B 162 -6.68 24.54 7.40
CA LEU B 162 -5.93 24.02 6.25
C LEU B 162 -6.13 24.86 4.99
N ALA B 163 -7.39 25.11 4.64
CA ALA B 163 -7.73 25.96 3.50
C ALA B 163 -7.14 27.36 3.62
N SER B 164 -7.11 27.91 4.84
CA SER B 164 -6.55 29.24 5.07
C SER B 164 -5.01 29.25 4.89
N GLN B 165 -4.39 28.09 5.05
CA GLN B 165 -2.95 27.93 4.85
C GLN B 165 -2.60 27.54 3.42
N LYS B 166 -3.57 27.64 2.51
CA LYS B 166 -3.40 27.30 1.09
C LYS B 166 -3.04 25.83 0.87
N CYS B 167 -3.58 24.95 1.73
CA CYS B 167 -3.32 23.53 1.62
C CYS B 167 -4.59 22.75 1.25
N ILE B 168 -4.52 22.02 0.15
CA ILE B 168 -5.55 21.03 -0.19
C ILE B 168 -5.10 19.67 0.32
N HIS B 169 -5.96 19.03 1.12
CA HIS B 169 -5.60 17.77 1.77
C HIS B 169 -5.68 16.56 0.82
N ARG B 170 -6.78 16.49 0.06
CA ARG B 170 -6.99 15.50 -1.01
C ARG B 170 -7.27 14.07 -0.56
N ASP B 171 -7.03 13.77 0.71
CA ASP B 171 -7.28 12.42 1.21
C ASP B 171 -8.14 12.41 2.48
N LEU B 172 -9.19 13.25 2.50
CA LEU B 172 -10.10 13.31 3.65
C LEU B 172 -10.96 12.06 3.74
N ALA B 173 -10.94 11.44 4.92
CA ALA B 173 -11.64 10.19 5.17
C ALA B 173 -11.49 9.86 6.66
N ALA B 174 -12.43 9.09 7.20
CA ALA B 174 -12.42 8.71 8.62
C ALA B 174 -11.15 7.96 9.04
N ARG B 175 -10.64 7.09 8.16
CA ARG B 175 -9.39 6.36 8.39
C ARG B 175 -8.19 7.31 8.56
N ASN B 176 -8.31 8.53 8.03
CA ASN B 176 -7.23 9.50 8.05
C ASN B 176 -7.38 10.58 9.10
N VAL B 177 -8.28 10.33 10.05
CA VAL B 177 -8.53 11.18 11.21
C VAL B 177 -8.12 10.39 12.45
N LEU B 178 -7.41 11.04 13.37
CA LEU B 178 -7.01 10.40 14.63
C LEU B 178 -7.71 11.07 15.80
N VAL B 179 -7.89 10.31 16.88
CA VAL B 179 -8.58 10.81 18.06
C VAL B 179 -7.71 10.68 19.32
N THR B 180 -7.54 11.79 20.05
CA THR B 180 -6.73 11.81 21.26
C THR B 180 -7.49 11.23 22.47
N GLU B 181 -6.79 11.10 23.59
CA GLU B 181 -7.36 10.58 24.84
C GLU B 181 -8.58 11.40 25.28
N ASN B 182 -8.58 12.69 24.97
CA ASN B 182 -9.68 13.57 25.34
C ASN B 182 -10.70 13.83 24.23
N ASN B 183 -10.69 12.97 23.23
CA ASN B 183 -11.64 12.98 22.11
C ASN B 183 -11.51 14.21 21.20
N VAL B 184 -10.30 14.75 21.11
CA VAL B 184 -9.97 15.77 20.13
C VAL B 184 -9.74 15.11 18.77
N MET B 185 -10.44 15.63 17.74
CA MET B 185 -10.35 15.10 16.39
C MET B 185 -9.25 15.80 15.63
N LYS B 186 -8.33 15.01 15.08
CA LYS B 186 -7.16 15.56 14.42
C LYS B 186 -6.99 15.00 13.01
N ILE B 187 -7.03 15.87 12.02
CA ILE B 187 -6.77 15.49 10.63
C ILE B 187 -5.32 15.00 10.51
N ALA B 188 -5.18 13.81 9.94
CA ALA B 188 -3.88 13.16 9.80
C ALA B 188 -3.59 12.80 8.34
N ASP B 189 -2.56 11.99 8.13
CA ASP B 189 -2.13 11.53 6.80
C ASP B 189 -2.09 12.62 5.73
N PHE B 190 -1.02 13.41 5.75
CA PHE B 190 -0.80 14.48 4.81
C PHE B 190 0.00 14.01 3.58
N GLY B 191 -0.05 12.71 3.30
CA GLY B 191 0.72 12.11 2.21
C GLY B 191 0.37 12.66 0.84
N LEU B 192 -0.91 12.92 0.62
CA LEU B 192 -1.39 13.45 -0.64
C LEU B 192 -1.60 14.96 -0.66
N ALA B 193 -1.41 15.61 0.49
CA ALA B 193 -1.65 17.03 0.65
C ALA B 193 -0.67 17.88 -0.16
N ARG B 194 -1.16 18.99 -0.71
CA ARG B 194 -0.35 19.87 -1.54
C ARG B 194 -0.64 21.32 -1.23
N ASP B 195 0.35 22.19 -1.42
CA ASP B 195 0.08 23.60 -1.62
C ASP B 195 -0.84 23.72 -2.84
N ILE B 196 -1.71 24.72 -2.81
CA ILE B 196 -2.72 24.94 -3.85
C ILE B 196 -2.13 25.10 -5.26
N ASN B 197 -0.92 25.65 -5.35
CA ASN B 197 -0.23 25.84 -6.62
C ASN B 197 0.56 24.63 -7.11
N ASN B 198 0.71 23.62 -6.25
CA ASN B 198 1.47 22.42 -6.59
C ASN B 198 0.58 21.27 -7.06
N ILE B 199 -0.27 21.57 -8.05
CA ILE B 199 -1.13 20.62 -8.72
C ILE B 199 -1.11 20.97 -10.20
N ASP B 200 -0.91 19.98 -11.05
CA ASP B 200 -0.89 20.18 -12.50
C ASP B 200 -2.29 20.05 -13.10
N TYR B 201 -2.97 21.18 -13.30
CA TYR B 201 -4.32 21.18 -13.87
C TYR B 201 -4.36 20.57 -15.27
N TYR B 202 -5.38 19.74 -15.50
CA TYR B 202 -5.72 19.19 -16.83
C TYR B 202 -4.86 18.00 -17.30
N LYS B 203 -3.80 17.70 -16.55
CA LYS B 203 -2.93 16.55 -16.83
C LYS B 203 -3.63 15.24 -16.47
N LYS B 204 -3.56 14.27 -17.38
CA LYS B 204 -4.26 12.97 -17.24
C LYS B 204 -3.85 12.19 -15.98
N THR B 205 -2.63 12.41 -15.50
CA THR B 205 -2.15 11.68 -14.32
C THR B 205 -2.54 12.38 -12.99
N THR B 206 -3.05 13.61 -13.09
CA THR B 206 -3.40 14.37 -11.90
C THR B 206 -4.59 13.74 -11.18
N ASN B 207 -4.44 13.60 -9.87
CA ASN B 207 -5.46 13.01 -8.99
C ASN B 207 -5.66 11.50 -9.16
N GLY B 208 -4.75 10.85 -9.87
CA GLY B 208 -4.82 9.39 -10.10
C GLY B 208 -4.59 8.54 -8.86
N ARG B 209 -4.02 9.17 -7.82
CA ARG B 209 -3.71 8.47 -6.57
C ARG B 209 -4.71 8.80 -5.43
N LEU B 210 -5.87 9.37 -5.78
CA LEU B 210 -6.90 9.69 -4.80
C LEU B 210 -7.99 8.62 -4.72
N PRO B 211 -8.34 8.18 -3.49
CA PRO B 211 -9.43 7.22 -3.32
C PRO B 211 -10.72 7.69 -3.95
N VAL B 212 -11.24 6.87 -4.86
CA VAL B 212 -12.34 7.23 -5.75
C VAL B 212 -13.66 7.56 -5.02
N LYS B 213 -13.97 6.81 -3.97
CA LYS B 213 -15.23 6.96 -3.24
C LYS B 213 -15.33 8.22 -2.34
N TRP B 214 -14.23 8.96 -2.22
CA TRP B 214 -14.18 10.19 -1.41
C TRP B 214 -13.93 11.42 -2.28
N MET B 215 -13.74 11.17 -3.58
CA MET B 215 -13.17 12.13 -4.52
C MET B 215 -14.23 12.98 -5.23
N ALA B 216 -13.98 14.28 -5.32
CA ALA B 216 -14.86 15.17 -6.08
C ALA B 216 -14.78 14.84 -7.57
N PRO B 217 -15.92 14.86 -8.28
CA PRO B 217 -15.97 14.50 -9.71
C PRO B 217 -15.06 15.35 -10.60
N GLU B 218 -14.92 16.64 -10.31
CA GLU B 218 -14.03 17.50 -11.08
C GLU B 218 -12.56 17.08 -10.98
N ALA B 219 -12.21 16.40 -9.88
CA ALA B 219 -10.85 15.90 -9.69
C ALA B 219 -10.49 14.87 -10.76
N LEU B 220 -11.45 14.03 -11.10
CA LEU B 220 -11.27 13.04 -12.15
C LEU B 220 -11.64 13.57 -13.55
N PHE B 221 -12.82 14.18 -13.66
CA PHE B 221 -13.29 14.66 -14.97
C PHE B 221 -12.48 15.82 -15.54
N ASP B 222 -12.13 16.78 -14.68
CA ASP B 222 -11.47 18.01 -15.13
C ASP B 222 -9.99 18.05 -14.82
N ARG B 223 -9.54 17.14 -13.95
CA ARG B 223 -8.14 17.06 -13.51
C ARG B 223 -7.67 18.34 -12.83
N VAL B 224 -8.54 18.88 -11.98
CA VAL B 224 -8.20 20.02 -11.12
C VAL B 224 -8.42 19.62 -9.66
N TYR B 225 -7.94 20.45 -8.73
CA TYR B 225 -8.27 20.28 -7.31
C TYR B 225 -8.23 21.63 -6.62
N THR B 226 -9.33 21.95 -5.93
CA THR B 226 -9.42 23.19 -5.15
C THR B 226 -9.90 22.87 -3.72
N HIS B 227 -10.04 23.89 -2.89
CA HIS B 227 -10.62 23.70 -1.55
C HIS B 227 -12.04 23.14 -1.61
N GLN B 228 -12.82 23.51 -2.63
CA GLN B 228 -14.16 22.98 -2.83
C GLN B 228 -14.19 21.48 -3.16
N SER B 229 -13.11 20.97 -3.75
CA SER B 229 -12.93 19.54 -3.94
C SER B 229 -12.79 18.84 -2.58
N ASP B 230 -12.03 19.44 -1.66
CA ASP B 230 -11.98 18.96 -0.26
C ASP B 230 -13.35 18.97 0.42
N VAL B 231 -14.19 19.96 0.14
CA VAL B 231 -15.51 20.00 0.78
C VAL B 231 -16.40 18.83 0.37
N TRP B 232 -16.31 18.39 -0.89
CA TRP B 232 -16.95 17.15 -1.34
C TRP B 232 -16.53 15.99 -0.44
N SER B 233 -15.22 15.77 -0.30
CA SER B 233 -14.70 14.70 0.56
C SER B 233 -15.16 14.84 2.01
N PHE B 234 -15.26 16.09 2.48
CA PHE B 234 -15.80 16.35 3.81
C PHE B 234 -17.22 15.82 3.95
N GLY B 235 -18.03 15.99 2.91
CA GLY B 235 -19.39 15.41 2.86
C GLY B 235 -19.40 13.89 3.01
N VAL B 236 -18.46 13.21 2.36
CA VAL B 236 -18.32 11.77 2.47
C VAL B 236 -17.90 11.41 3.91
N LEU B 237 -16.95 12.15 4.44
CA LEU B 237 -16.50 12.01 5.83
C LEU B 237 -17.65 12.16 6.84
N MET B 238 -18.53 13.15 6.58
CA MET B 238 -19.72 13.39 7.39
C MET B 238 -20.63 12.17 7.42
N TRP B 239 -20.88 11.62 6.24
CA TRP B 239 -21.65 10.39 6.09
C TRP B 239 -21.01 9.25 6.88
N GLU B 240 -19.69 9.11 6.77
CA GLU B 240 -18.93 8.14 7.58
C GLU B 240 -19.16 8.32 9.07
N ILE B 241 -19.17 9.57 9.53
CA ILE B 241 -19.33 9.86 10.96
C ILE B 241 -20.73 9.46 11.43
N PHE B 242 -21.74 9.86 10.67
CA PHE B 242 -23.13 9.61 11.07
C PHE B 242 -23.62 8.18 10.86
N THR B 243 -22.88 7.40 10.07
CA THR B 243 -23.11 5.95 9.99
C THR B 243 -22.24 5.18 10.99
N LEU B 244 -21.50 5.92 11.82
CA LEU B 244 -20.58 5.35 12.83
C LEU B 244 -19.50 4.45 12.20
N GLY B 245 -18.91 4.93 11.11
CA GLY B 245 -17.84 4.23 10.44
C GLY B 245 -18.31 3.33 9.31
N GLY B 246 -19.42 3.71 8.69
CA GLY B 246 -19.94 2.96 7.54
C GLY B 246 -19.08 3.14 6.32
N SER B 247 -19.14 2.17 5.41
CA SER B 247 -18.41 2.21 4.15
C SER B 247 -19.26 2.92 3.10
N PRO B 248 -18.72 3.97 2.45
CA PRO B 248 -19.49 4.76 1.48
C PRO B 248 -19.88 3.97 0.23
N TYR B 249 -21.02 4.35 -0.35
CA TYR B 249 -21.60 3.66 -1.52
C TYR B 249 -21.55 2.15 -1.37
N PRO B 250 -22.31 1.60 -0.39
CA PRO B 250 -22.28 0.16 -0.14
C PRO B 250 -22.87 -0.61 -1.33
N GLY B 251 -22.18 -1.67 -1.74
CA GLY B 251 -22.62 -2.50 -2.86
C GLY B 251 -22.34 -1.90 -4.23
N ILE B 252 -21.76 -0.70 -4.25
CA ILE B 252 -21.38 -0.06 -5.51
C ILE B 252 -19.86 -0.19 -5.65
N PRO B 253 -19.40 -0.86 -6.72
CA PRO B 253 -17.94 -0.96 -6.92
C PRO B 253 -17.33 0.32 -7.44
N VAL B 254 -16.09 0.58 -7.04
CA VAL B 254 -15.31 1.75 -7.50
C VAL B 254 -15.43 2.00 -9.00
N GLU B 255 -15.41 0.92 -9.78
CA GLU B 255 -15.42 0.97 -11.24
C GLU B 255 -16.61 1.72 -11.84
N GLU B 256 -17.79 1.54 -11.25
CA GLU B 256 -18.99 2.17 -11.80
C GLU B 256 -19.57 3.32 -10.98
N LEU B 257 -18.77 3.88 -10.07
CA LEU B 257 -19.23 4.97 -9.21
C LEU B 257 -19.49 6.27 -9.98
N PHE B 258 -18.50 6.72 -10.74
CA PHE B 258 -18.52 8.06 -11.35
C PHE B 258 -19.58 8.24 -12.42
N LYS B 259 -19.90 7.15 -13.12
CA LYS B 259 -21.04 7.12 -14.03
C LYS B 259 -22.34 7.39 -13.28
N LEU B 260 -22.51 6.72 -12.14
CA LEU B 260 -23.68 6.90 -11.28
C LEU B 260 -23.74 8.30 -10.68
N LEU B 261 -22.58 8.85 -10.32
CA LEU B 261 -22.48 10.20 -9.77
C LEU B 261 -22.90 11.24 -10.80
N LYS B 262 -22.54 11.00 -12.06
CA LYS B 262 -22.94 11.86 -13.18
C LYS B 262 -24.45 11.81 -13.42
N GLU B 263 -25.05 10.66 -13.13
CA GLU B 263 -26.51 10.48 -13.23
C GLU B 263 -27.26 11.13 -12.06
N GLY B 264 -26.51 11.71 -11.13
CA GLY B 264 -27.10 12.42 -9.98
C GLY B 264 -27.18 11.60 -8.71
N HIS B 265 -26.66 10.37 -8.75
CA HIS B 265 -26.69 9.48 -7.59
C HIS B 265 -25.87 10.05 -6.42
N ARG B 266 -26.47 10.03 -5.23
CA ARG B 266 -25.82 10.42 -3.99
C ARG B 266 -26.26 9.44 -2.90
N MET B 267 -25.46 9.31 -1.84
CA MET B 267 -25.78 8.41 -0.74
C MET B 267 -27.05 8.83 0.00
N ASP B 268 -27.76 7.83 0.52
CA ASP B 268 -28.97 8.02 1.33
C ASP B 268 -28.65 8.58 2.71
N LYS B 269 -29.67 9.14 3.37
CA LYS B 269 -29.55 9.65 4.73
C LYS B 269 -29.27 8.51 5.71
N PRO B 270 -28.17 8.64 6.50
CA PRO B 270 -27.86 7.70 7.58
C PRO B 270 -29.01 7.59 8.59
N ALA B 271 -29.17 6.40 9.18
CA ALA B 271 -30.27 6.13 10.11
C ALA B 271 -30.31 7.11 11.28
N ASN B 272 -29.19 7.25 11.99
CA ASN B 272 -29.09 8.24 13.04
C ASN B 272 -28.57 9.53 12.43
N CYS B 273 -29.50 10.36 11.92
CA CYS B 273 -29.17 11.64 11.27
C CYS B 273 -30.41 12.50 10.97
N THR B 274 -30.31 13.79 11.29
CA THR B 274 -31.39 14.74 11.00
C THR B 274 -31.42 15.11 9.52
N ASN B 275 -32.55 15.64 9.06
CA ASN B 275 -32.67 16.14 7.70
C ASN B 275 -31.75 17.31 7.43
N GLU B 276 -31.58 18.17 8.44
CA GLU B 276 -30.70 19.33 8.37
C GLU B 276 -29.25 18.93 8.08
N LEU B 277 -28.77 17.91 8.79
CA LEU B 277 -27.39 17.43 8.63
C LEU B 277 -27.18 16.69 7.31
N TYR B 278 -28.20 15.96 6.88
CA TYR B 278 -28.17 15.30 5.58
C TYR B 278 -28.16 16.31 4.44
N MET B 279 -28.98 17.37 4.55
CA MET B 279 -28.99 18.43 3.56
C MET B 279 -27.65 19.13 3.45
N MET B 280 -26.92 19.21 4.56
CA MET B 280 -25.55 19.69 4.58
C MET B 280 -24.62 18.76 3.77
N MET B 281 -24.72 17.46 4.00
CA MET B 281 -23.95 16.45 3.25
C MET B 281 -24.21 16.59 1.75
N ARG B 282 -25.48 16.68 1.39
CA ARG B 282 -25.92 16.82 0.01
C ARG B 282 -25.40 18.09 -0.65
N ASP B 283 -25.36 19.18 0.13
CA ASP B 283 -24.79 20.44 -0.32
C ASP B 283 -23.29 20.33 -0.63
N CYS B 284 -22.58 19.55 0.18
CA CYS B 284 -21.16 19.24 -0.07
C CYS B 284 -20.99 18.44 -1.36
N TRP B 285 -22.02 17.68 -1.72
CA TRP B 285 -21.98 16.90 -2.95
C TRP B 285 -22.64 17.57 -4.17
N HIS B 286 -22.74 18.90 -4.16
CA HIS B 286 -23.11 19.63 -5.38
C HIS B 286 -22.11 19.35 -6.51
N ALA B 287 -22.63 19.08 -7.71
CA ALA B 287 -21.81 18.88 -8.90
C ALA B 287 -20.94 20.10 -9.20
N VAL B 288 -21.55 21.29 -9.06
CA VAL B 288 -20.83 22.55 -9.23
C VAL B 288 -20.06 22.89 -7.96
N PRO B 289 -18.70 22.96 -8.05
CA PRO B 289 -17.85 23.16 -6.87
C PRO B 289 -18.18 24.44 -6.08
N SER B 290 -18.46 25.54 -6.79
CA SER B 290 -18.75 26.82 -6.17
C SER B 290 -20.13 26.88 -5.52
N GLN B 291 -20.98 25.88 -5.80
CA GLN B 291 -22.30 25.75 -5.17
C GLN B 291 -22.24 24.97 -3.85
N ARG B 292 -21.11 24.32 -3.58
CA ARG B 292 -20.88 23.66 -2.29
C ARG B 292 -20.56 24.72 -1.24
N PRO B 293 -20.89 24.46 0.05
CA PRO B 293 -20.44 25.35 1.11
C PRO B 293 -18.93 25.48 1.17
N THR B 294 -18.44 26.58 1.71
CA THR B 294 -17.02 26.72 2.06
C THR B 294 -16.84 26.10 3.44
N PHE B 295 -15.60 25.85 3.84
CA PHE B 295 -15.34 25.33 5.18
C PHE B 295 -15.76 26.31 6.27
N LYS B 296 -15.56 27.60 6.03
CA LYS B 296 -16.04 28.67 6.94
C LYS B 296 -17.54 28.53 7.19
N GLN B 297 -18.31 28.34 6.12
CA GLN B 297 -19.77 28.17 6.21
C GLN B 297 -20.16 26.89 6.95
N LEU B 298 -19.42 25.82 6.71
CA LEU B 298 -19.64 24.56 7.40
C LEU B 298 -19.44 24.71 8.91
N VAL B 299 -18.34 25.35 9.30
CA VAL B 299 -18.02 25.64 10.70
C VAL B 299 -19.16 26.41 11.38
N GLU B 300 -19.61 27.49 10.74
CA GLU B 300 -20.70 28.33 11.27
C GLU B 300 -22.03 27.57 11.43
N ASP B 301 -22.38 26.73 10.45
CA ASP B 301 -23.59 25.93 10.52
C ASP B 301 -23.52 24.86 11.59
N LEU B 302 -22.39 24.16 11.65
CA LEU B 302 -22.16 23.13 12.67
C LEU B 302 -22.10 23.72 14.09
N ASP B 303 -21.48 24.90 14.22
CA ASP B 303 -21.44 25.60 15.51
C ASP B 303 -22.86 25.88 16.02
N ARG B 304 -23.74 26.34 15.13
CA ARG B 304 -25.14 26.57 15.47
C ARG B 304 -25.85 25.27 15.87
N ILE B 305 -25.68 24.22 15.07
CA ILE B 305 -26.33 22.93 15.32
C ILE B 305 -25.86 22.35 16.66
N LEU B 306 -24.55 22.43 16.90
CA LEU B 306 -23.95 21.96 18.15
C LEU B 306 -24.44 22.75 19.36
N THR B 307 -24.56 24.08 19.21
CA THR B 307 -24.98 24.97 20.30
C THR B 307 -26.45 24.74 20.67
N LEU B 308 -27.31 24.72 19.65
CA LEU B 308 -28.74 24.45 19.81
C LEU B 308 -29.03 23.07 20.42
N THR B 309 -28.25 22.06 20.04
CA THR B 309 -28.33 20.71 20.63
C THR B 309 -27.93 20.72 22.13
N THR B 310 -26.86 21.46 22.44
CA THR B 310 -26.38 21.62 23.81
C THR B 310 -27.44 22.26 24.70
N ASN B 311 -28.12 23.28 24.17
CA ASN B 311 -29.13 24.03 24.92
C ASN B 311 -30.50 23.35 24.88
#